data_3QWR
#
_entry.id   3QWR
#
_cell.length_a   77.700
_cell.length_b   91.700
_cell.length_c   225.800
_cell.angle_alpha   90.00
_cell.angle_beta   90.00
_cell.angle_gamma   90.00
#
_symmetry.space_group_name_H-M   'I 21 21 21'
#
loop_
_entity.id
_entity.type
_entity.pdbx_description
1 polymer 'Interleukin-12 subunit beta'
2 polymer 'Interleukin-23 subunit alpha'
3 polymer ADNECTIN
4 branched alpha-D-mannopyranose-(1-3)-beta-D-mannopyranose-(1-4)-2-acetamido-2-deoxy-beta-D-glucopyranose-(1-4)-2-acetamido-2-deoxy-beta-D-glucopyranose
5 water water
#
loop_
_entity_poly.entity_id
_entity_poly.type
_entity_poly.pdbx_seq_one_letter_code
_entity_poly.pdbx_strand_id
1 'polypeptide(L)'
;IWELKKDVYVVELDWYPDAPGEMVVLTCDTPEEDGITWTLDQSSEVLGSGKTLTIQVKEFGDAGQYTCHKGGEVLSHSLL
LLHKKEDGIWSTDILKDQKEPKNKTFLRCEAKNYSGRFTCWWLTTISTDLTFSVKSSRGSSDPQGVTCGAATLSAERVRG
DNKEYEYSVECQEDSACPAAEESLPIEVMVDAVHKLKYENYTSSFFIRDIIKPDPPKNLQLKPLKNSRQVEVSWEYPDTW
STPHSYFSLTFCVQVQGKSKREKKDRVFTDKTSATVICRKNASISVRAQDRYYSSSWSEWASVPCS
;
A
2 'polypeptide(L)'
;RAVPGGSSPAWTQCQQLSQKLCTLAWSAHPLVGHMDLREEGDEETTNDVPHIQCGDGCDPQGLRDNSQFCLQRIHQGLIF
YEKLLGSDIFTGEPSLLPDSPVGQLHASLLGLSQLLQPEGHHWETQQIPSLSPSQPWQRLLLRFKILRSLQAFVAVAARV
FAHGAATLSP
;
B
3 'polypeptide(L)'
;MGVSDVPRDLEVVAATPTSLLISWEHDYPYRRYYRITYGETGGNSPVQEFTVPKDVDTATISGLKPGVDYTITVYAVTSS
YKYDMQYSPISINYRTEIDKPSQHHHHHH
;
D
#
loop_
_chem_comp.id
_chem_comp.type
_chem_comp.name
_chem_comp.formula
BMA D-saccharide, beta linking beta-D-mannopyranose 'C6 H12 O6'
MAN D-saccharide, alpha linking alpha-D-mannopyranose 'C6 H12 O6'
NAG D-saccharide, beta linking 2-acetamido-2-deoxy-beta-D-glucopyranose 'C8 H15 N O6'
#
# COMPACT_ATOMS: atom_id res chain seq x y z
N TRP A 2 -6.32 -17.55 -24.93
CA TRP A 2 -7.15 -17.75 -23.73
C TRP A 2 -8.40 -16.86 -23.73
N GLU A 3 -9.49 -17.27 -23.05
CA GLU A 3 -10.74 -16.52 -23.06
C GLU A 3 -10.85 -15.53 -21.91
N LEU A 4 -10.97 -14.25 -22.25
CA LEU A 4 -11.15 -13.17 -21.29
C LEU A 4 -12.57 -12.90 -21.56
N LYS A 5 -13.50 -13.52 -20.86
CA LYS A 5 -14.94 -13.34 -21.12
C LYS A 5 -15.54 -13.95 -22.40
N LYS A 6 -16.86 -14.17 -22.36
CA LYS A 6 -17.58 -14.76 -23.46
C LYS A 6 -17.26 -14.08 -24.78
N ASP A 7 -16.72 -14.87 -25.73
CA ASP A 7 -16.42 -14.49 -27.10
C ASP A 7 -15.34 -13.44 -27.26
N VAL A 8 -14.48 -13.31 -26.23
CA VAL A 8 -13.36 -12.37 -26.20
C VAL A 8 -12.12 -13.15 -25.82
N TYR A 9 -11.16 -13.20 -26.76
CA TYR A 9 -9.91 -13.96 -26.66
C TYR A 9 -8.69 -13.11 -26.63
N VAL A 10 -7.71 -13.55 -25.87
CA VAL A 10 -6.45 -12.84 -25.77
C VAL A 10 -5.37 -13.73 -26.36
N VAL A 11 -4.58 -13.18 -27.28
CA VAL A 11 -3.59 -13.98 -27.97
C VAL A 11 -2.24 -14.31 -27.29
N GLU A 12 -1.47 -13.34 -26.80
CA GLU A 12 -0.08 -13.58 -26.29
C GLU A 12 0.97 -13.75 -27.40
N LEU A 13 1.67 -12.66 -27.66
CA LEU A 13 2.70 -12.55 -28.70
C LEU A 13 4.05 -12.09 -28.16
N ASP A 14 5.13 -12.78 -28.56
CA ASP A 14 6.46 -12.31 -28.23
C ASP A 14 6.66 -11.21 -29.29
N TRP A 15 6.72 -9.94 -28.85
CA TRP A 15 6.78 -8.77 -29.73
C TRP A 15 8.21 -8.29 -30.03
N TYR A 16 8.67 -8.54 -31.26
CA TYR A 16 9.99 -8.14 -31.72
C TYR A 16 9.85 -7.72 -33.17
N PRO A 17 10.73 -6.84 -33.67
CA PRO A 17 10.62 -6.40 -35.07
C PRO A 17 10.61 -7.56 -36.10
N ASP A 18 11.23 -8.71 -35.71
CA ASP A 18 11.30 -9.94 -36.50
C ASP A 18 10.02 -10.77 -36.40
N ALA A 19 9.65 -11.20 -35.17
CA ALA A 19 8.47 -11.99 -34.76
C ALA A 19 7.71 -12.76 -35.83
N PRO A 20 7.65 -14.12 -35.72
CA PRO A 20 6.81 -14.89 -36.65
C PRO A 20 5.31 -14.77 -36.33
N GLY A 21 5.02 -14.38 -35.08
CA GLY A 21 3.69 -14.18 -34.50
C GLY A 21 2.71 -15.31 -34.68
N GLU A 22 2.43 -16.00 -33.59
CA GLU A 22 1.55 -17.14 -33.34
C GLU A 22 0.45 -17.61 -34.31
N MET A 23 0.40 -18.93 -34.53
CA MET A 23 -0.66 -19.55 -35.32
C MET A 23 -1.85 -19.79 -34.44
N VAL A 24 -2.98 -19.22 -34.80
CA VAL A 24 -4.21 -19.36 -34.04
C VAL A 24 -5.29 -20.10 -34.86
N VAL A 25 -5.96 -21.09 -34.25
CA VAL A 25 -7.06 -21.82 -34.88
C VAL A 25 -8.42 -21.41 -34.29
N LEU A 26 -9.25 -20.77 -35.10
CA LEU A 26 -10.59 -20.34 -34.68
C LEU A 26 -11.61 -21.33 -35.15
N THR A 27 -12.59 -21.64 -34.32
CA THR A 27 -13.63 -22.60 -34.66
C THR A 27 -15.01 -21.97 -34.70
N CYS A 28 -15.73 -22.19 -35.80
CA CYS A 28 -17.07 -21.66 -35.92
C CYS A 28 -18.00 -22.41 -34.98
N ASP A 29 -18.74 -21.68 -34.15
CA ASP A 29 -19.66 -22.29 -33.21
C ASP A 29 -20.98 -22.68 -33.88
N THR A 30 -21.03 -23.89 -34.43
CA THR A 30 -22.19 -24.38 -35.15
C THR A 30 -22.07 -25.87 -35.46
N PRO A 31 -23.22 -26.59 -35.59
CA PRO A 31 -23.20 -27.98 -36.05
C PRO A 31 -23.61 -28.03 -37.56
N GLU A 32 -22.70 -27.98 -38.56
CA GLU A 32 -21.24 -27.96 -38.64
C GLU A 32 -20.89 -28.56 -40.02
N GLU A 33 -19.67 -28.27 -40.52
CA GLU A 33 -19.02 -28.74 -41.75
C GLU A 33 -19.76 -28.56 -43.09
N ASP A 34 -20.29 -27.35 -43.31
CA ASP A 34 -20.98 -26.98 -44.55
C ASP A 34 -20.27 -25.86 -45.34
N GLY A 35 -21.03 -24.94 -45.93
CA GLY A 35 -20.52 -23.82 -46.71
C GLY A 35 -20.24 -22.64 -45.79
N ILE A 36 -19.30 -22.82 -44.85
CA ILE A 36 -18.92 -21.78 -43.90
C ILE A 36 -17.83 -20.90 -44.46
N THR A 37 -17.96 -19.58 -44.27
CA THR A 37 -16.98 -18.59 -44.68
C THR A 37 -16.63 -17.71 -43.50
N TRP A 38 -15.47 -17.04 -43.55
CA TRP A 38 -15.01 -16.18 -42.48
C TRP A 38 -14.63 -14.80 -42.99
N THR A 39 -14.91 -13.75 -42.19
CA THR A 39 -14.49 -12.38 -42.48
C THR A 39 -13.90 -11.79 -41.21
N LEU A 40 -13.13 -10.70 -41.32
CA LEU A 40 -12.55 -9.96 -40.20
C LEU A 40 -13.07 -8.53 -40.19
N ASP A 41 -13.57 -8.07 -39.04
CA ASP A 41 -14.09 -6.72 -38.84
C ASP A 41 -15.15 -6.31 -39.84
N GLN A 42 -15.01 -5.13 -40.45
CA GLN A 42 -15.98 -4.63 -41.42
C GLN A 42 -15.70 -4.99 -42.86
N SER A 43 -14.58 -5.69 -43.13
CA SER A 43 -14.21 -6.09 -44.48
C SER A 43 -14.98 -7.31 -45.00
N SER A 44 -15.45 -7.18 -46.23
CA SER A 44 -16.17 -8.24 -46.91
C SER A 44 -15.23 -9.32 -47.41
N GLU A 45 -13.90 -9.04 -47.41
CA GLU A 45 -12.93 -10.00 -47.90
C GLU A 45 -13.07 -11.33 -47.17
N VAL A 46 -13.28 -12.38 -47.96
CA VAL A 46 -13.40 -13.73 -47.43
C VAL A 46 -11.98 -14.16 -47.07
N LEU A 47 -11.78 -14.56 -45.82
CA LEU A 47 -10.48 -15.00 -45.36
C LEU A 47 -10.30 -16.47 -45.54
N GLY A 48 -11.40 -17.19 -45.46
CA GLY A 48 -11.39 -18.63 -45.60
C GLY A 48 -12.78 -19.21 -45.53
N SER A 49 -12.82 -20.53 -45.63
CA SER A 49 -14.04 -21.31 -45.58
C SER A 49 -13.73 -22.57 -44.78
N GLY A 50 -14.76 -23.21 -44.23
CA GLY A 50 -14.59 -24.39 -43.41
C GLY A 50 -14.96 -24.06 -41.99
N LYS A 51 -15.15 -25.09 -41.15
CA LYS A 51 -15.51 -24.88 -39.74
C LYS A 51 -14.40 -24.19 -38.95
N THR A 52 -13.16 -24.26 -39.41
CA THR A 52 -12.03 -23.60 -38.75
C THR A 52 -11.31 -22.64 -39.68
N LEU A 53 -10.57 -21.70 -39.12
CA LEU A 53 -9.78 -20.73 -39.88
C LEU A 53 -8.46 -20.63 -39.17
N THR A 54 -7.35 -20.79 -39.89
CA THR A 54 -6.02 -20.66 -39.29
C THR A 54 -5.43 -19.28 -39.60
N ILE A 55 -5.08 -18.53 -38.56
CA ILE A 55 -4.56 -17.16 -38.68
C ILE A 55 -3.16 -17.11 -38.15
N GLN A 56 -2.30 -16.36 -38.83
CA GLN A 56 -0.93 -16.12 -38.39
C GLN A 56 -1.05 -14.75 -37.73
N VAL A 57 -1.18 -14.73 -36.41
CA VAL A 57 -1.38 -13.46 -35.69
C VAL A 57 -0.06 -12.81 -35.36
N LYS A 58 0.26 -11.71 -36.05
CA LYS A 58 1.52 -11.02 -35.90
C LYS A 58 1.35 -9.56 -35.53
N GLU A 59 0.24 -8.95 -35.94
CA GLU A 59 0.04 -7.53 -35.71
C GLU A 59 -1.37 -7.22 -35.31
N PHE A 60 -1.63 -5.97 -34.90
CA PHE A 60 -2.96 -5.53 -34.57
C PHE A 60 -3.94 -5.67 -35.74
N GLY A 61 -3.42 -5.63 -36.97
CA GLY A 61 -4.18 -5.87 -38.19
C GLY A 61 -4.72 -7.28 -38.28
N ASP A 62 -4.19 -8.19 -37.47
CA ASP A 62 -4.63 -9.57 -37.40
C ASP A 62 -5.65 -9.74 -36.26
N ALA A 63 -5.79 -8.74 -35.40
CA ALA A 63 -6.77 -8.82 -34.32
C ALA A 63 -8.09 -8.16 -34.74
N GLY A 64 -9.08 -8.26 -33.87
CA GLY A 64 -10.40 -7.73 -34.13
C GLY A 64 -11.47 -8.79 -34.12
N GLN A 65 -12.62 -8.47 -34.69
CA GLN A 65 -13.77 -9.35 -34.72
C GLN A 65 -13.77 -10.33 -35.90
N TYR A 66 -13.59 -11.63 -35.63
CA TYR A 66 -13.70 -12.67 -36.65
C TYR A 66 -15.12 -13.19 -36.65
N THR A 67 -15.76 -13.25 -37.82
CA THR A 67 -17.13 -13.69 -37.93
C THR A 67 -17.26 -14.83 -38.95
N CYS A 68 -18.00 -15.91 -38.60
CA CYS A 68 -18.21 -17.02 -39.53
C CYS A 68 -19.64 -17.00 -40.07
N HIS A 69 -19.85 -17.37 -41.32
CA HIS A 69 -21.15 -17.24 -41.96
C HIS A 69 -21.53 -18.46 -42.76
N LYS A 70 -22.83 -18.67 -42.97
CA LYS A 70 -23.33 -19.75 -43.82
C LYS A 70 -24.69 -19.36 -44.32
N GLY A 71 -24.91 -19.55 -45.62
CA GLY A 71 -26.18 -19.29 -46.28
C GLY A 71 -26.76 -17.91 -46.02
N GLY A 72 -25.88 -16.92 -46.06
CA GLY A 72 -26.25 -15.52 -45.84
C GLY A 72 -26.50 -15.14 -44.39
N GLU A 73 -26.26 -16.07 -43.46
CA GLU A 73 -26.47 -15.83 -42.04
C GLU A 73 -25.18 -15.80 -41.28
N VAL A 74 -25.13 -14.95 -40.25
CA VAL A 74 -23.98 -14.90 -39.34
C VAL A 74 -24.11 -16.06 -38.39
N LEU A 75 -23.07 -16.84 -38.24
CA LEU A 75 -23.11 -18.00 -37.36
C LEU A 75 -22.57 -17.66 -35.98
N SER A 76 -21.31 -17.23 -35.90
CA SER A 76 -20.72 -16.81 -34.64
C SER A 76 -19.65 -15.75 -34.83
N HIS A 77 -19.40 -14.99 -33.77
CA HIS A 77 -18.37 -13.97 -33.77
C HIS A 77 -17.50 -14.04 -32.55
N SER A 78 -16.21 -13.79 -32.76
CA SER A 78 -15.16 -13.89 -31.76
C SER A 78 -14.26 -12.67 -31.87
N LEU A 79 -14.02 -12.00 -30.74
CA LEU A 79 -13.11 -10.85 -30.71
C LEU A 79 -11.71 -11.30 -30.23
N LEU A 80 -10.67 -10.97 -30.98
CA LEU A 80 -9.28 -11.28 -30.63
C LEU A 80 -8.58 -10.01 -30.18
N LEU A 81 -7.90 -10.07 -29.05
CA LEU A 81 -7.13 -8.97 -28.50
C LEU A 81 -5.66 -9.46 -28.46
N LEU A 82 -4.69 -8.54 -28.44
CA LEU A 82 -3.29 -8.92 -28.38
C LEU A 82 -2.63 -8.57 -27.07
N HIS A 83 -1.90 -9.53 -26.47
CA HIS A 83 -1.15 -9.29 -25.23
C HIS A 83 0.35 -9.39 -25.60
N LYS A 84 1.00 -8.24 -25.71
CA LYS A 84 2.42 -8.19 -26.08
C LYS A 84 3.37 -8.50 -24.94
N LYS A 85 4.38 -9.34 -25.22
CA LYS A 85 5.49 -9.70 -24.31
C LYS A 85 6.73 -9.12 -25.00
N GLU A 86 7.35 -8.09 -24.39
CA GLU A 86 8.51 -7.46 -25.00
C GLU A 86 9.75 -7.76 -24.18
N ASP A 87 10.77 -8.39 -24.83
CA ASP A 87 12.03 -8.75 -24.18
C ASP A 87 11.75 -9.57 -22.90
N GLY A 88 10.71 -10.39 -22.96
CA GLY A 88 10.31 -11.27 -21.86
C GLY A 88 9.38 -10.66 -20.83
N ILE A 89 8.98 -9.40 -20.97
CA ILE A 89 8.07 -8.81 -20.00
C ILE A 89 6.78 -8.35 -20.64
N TRP A 90 5.64 -8.69 -20.02
CA TRP A 90 4.33 -8.27 -20.50
C TRP A 90 4.22 -6.76 -20.47
N SER A 91 3.66 -6.19 -21.55
CA SER A 91 3.51 -4.77 -21.72
C SER A 91 2.72 -4.07 -20.64
N THR A 92 3.14 -2.82 -20.40
CA THR A 92 2.56 -1.89 -19.45
C THR A 92 2.58 -0.52 -20.12
N ASP A 93 2.02 -0.45 -21.35
CA ASP A 93 1.94 0.78 -22.13
C ASP A 93 0.79 1.63 -21.73
N ILE A 94 -0.32 1.01 -21.34
CA ILE A 94 -1.55 1.73 -20.99
C ILE A 94 -1.47 2.62 -19.73
N LEU A 95 -0.94 2.06 -18.63
CA LEU A 95 -0.81 2.75 -17.35
C LEU A 95 0.54 3.39 -17.13
N LYS A 96 0.53 4.59 -16.55
CA LYS A 96 1.76 5.24 -16.19
C LYS A 96 2.16 4.87 -14.78
N ASP A 97 3.46 4.69 -14.64
CA ASP A 97 4.07 4.29 -13.39
C ASP A 97 4.00 5.43 -12.37
N GLN A 98 3.37 5.15 -11.22
CA GLN A 98 3.23 6.17 -10.17
C GLN A 98 4.49 6.52 -9.39
N LYS A 99 5.42 5.54 -9.16
CA LYS A 99 6.67 5.69 -8.38
C LYS A 99 6.50 6.17 -6.90
N GLU A 100 5.22 6.40 -6.43
CA GLU A 100 4.86 6.90 -5.11
C GLU A 100 5.29 6.04 -3.91
N PRO A 101 4.66 4.89 -3.47
CA PRO A 101 5.27 4.17 -2.33
C PRO A 101 6.63 3.61 -2.76
N LYS A 102 6.77 3.02 -3.98
CA LYS A 102 8.04 2.51 -4.55
C LYS A 102 8.09 2.70 -6.10
N ASN A 103 9.19 2.25 -6.83
CA ASN A 103 9.29 2.32 -8.32
C ASN A 103 8.30 1.34 -9.00
N LYS A 104 8.32 1.14 -10.38
CA LYS A 104 7.29 0.30 -11.11
C LYS A 104 5.99 0.06 -10.28
N THR A 105 5.31 1.16 -9.91
CA THR A 105 4.10 1.14 -9.10
C THR A 105 2.99 1.61 -9.99
N PHE A 106 2.16 0.68 -10.48
CA PHE A 106 1.11 1.16 -11.36
C PHE A 106 -0.19 1.36 -10.66
N LEU A 107 -0.51 0.50 -9.69
CA LEU A 107 -1.74 0.54 -8.88
C LEU A 107 -1.40 1.02 -7.47
N ARG A 108 -2.17 1.96 -6.94
CA ARG A 108 -1.92 2.46 -5.61
C ARG A 108 -3.18 2.28 -4.85
N CYS A 109 -3.05 1.65 -3.67
CA CYS A 109 -4.19 1.34 -2.84
C CYS A 109 -4.07 1.98 -1.47
N GLU A 110 -5.19 2.44 -0.91
CA GLU A 110 -5.20 3.09 0.39
C GLU A 110 -6.45 2.71 1.13
N ALA A 111 -6.38 2.67 2.47
CA ALA A 111 -7.53 2.39 3.34
C ALA A 111 -7.51 3.45 4.46
N LYS A 112 -8.69 4.01 4.78
CA LYS A 112 -8.84 5.06 5.78
C LYS A 112 -9.10 4.48 7.16
N ASN A 113 -9.37 3.16 7.23
CA ASN A 113 -9.74 2.45 8.46
C ASN A 113 -9.62 0.94 8.24
N TYR A 114 -9.92 0.16 9.30
CA TYR A 114 -9.86 -1.31 9.26
C TYR A 114 -11.09 -2.03 8.78
N SER A 115 -12.11 -1.28 8.29
CA SER A 115 -13.28 -1.92 7.68
C SER A 115 -12.64 -2.52 6.41
N GLY A 116 -13.22 -3.57 5.86
CA GLY A 116 -12.53 -4.17 4.72
C GLY A 116 -12.64 -3.37 3.45
N ARG A 117 -12.95 -2.07 3.58
CA ARG A 117 -13.12 -1.19 2.45
C ARG A 117 -11.86 -0.39 2.12
N PHE A 118 -11.46 -0.38 0.84
CA PHE A 118 -10.25 0.34 0.37
C PHE A 118 -10.49 0.89 -1.02
N THR A 119 -9.55 1.73 -1.52
CA THR A 119 -9.60 2.29 -2.87
C THR A 119 -8.31 2.00 -3.59
N CYS A 120 -8.36 1.74 -4.93
CA CYS A 120 -7.16 1.63 -5.80
C CYS A 120 -7.26 2.60 -6.94
N TRP A 121 -6.14 3.17 -7.33
CA TRP A 121 -6.10 4.15 -8.40
C TRP A 121 -4.92 3.93 -9.32
N TRP A 122 -5.06 4.39 -10.55
CA TRP A 122 -4.00 4.27 -11.54
C TRP A 122 -4.07 5.44 -12.48
N LEU A 123 -2.98 5.65 -13.20
CA LEU A 123 -2.90 6.79 -14.11
C LEU A 123 -2.77 6.37 -15.56
N THR A 124 -3.22 7.21 -16.45
CA THR A 124 -3.04 7.00 -17.87
C THR A 124 -2.91 8.35 -18.58
N THR A 125 -2.25 8.32 -19.73
CA THR A 125 -2.09 9.45 -20.62
C THR A 125 -3.28 9.38 -21.62
N ILE A 126 -3.83 8.18 -21.82
CA ILE A 126 -4.89 7.88 -22.78
C ILE A 126 -6.26 8.26 -22.28
N SER A 127 -7.05 8.93 -23.11
CA SER A 127 -8.41 9.36 -22.70
C SER A 127 -9.53 8.52 -23.33
N THR A 128 -9.29 7.98 -24.54
CA THR A 128 -10.30 7.27 -25.30
C THR A 128 -10.02 5.77 -25.53
N ASP A 129 -11.10 5.03 -25.87
CA ASP A 129 -11.15 3.59 -26.16
C ASP A 129 -10.52 2.70 -25.11
N LEU A 130 -10.66 3.09 -23.85
CA LEU A 130 -10.13 2.35 -22.71
C LEU A 130 -11.25 1.73 -21.89
N THR A 131 -11.01 0.50 -21.45
CA THR A 131 -11.91 -0.24 -20.58
C THR A 131 -11.04 -0.91 -19.55
N PHE A 132 -11.57 -0.99 -18.31
CA PHE A 132 -10.88 -1.66 -17.23
C PHE A 132 -11.83 -2.57 -16.53
N SER A 133 -11.33 -3.65 -15.96
CA SER A 133 -12.16 -4.55 -15.18
C SER A 133 -11.36 -4.89 -13.96
N VAL A 134 -11.97 -4.71 -12.76
CA VAL A 134 -11.27 -4.98 -11.49
C VAL A 134 -11.85 -6.16 -10.74
N LYS A 135 -10.96 -7.03 -10.27
CA LYS A 135 -11.31 -8.20 -9.49
C LYS A 135 -10.35 -8.23 -8.31
N SER A 136 -10.79 -8.84 -7.21
CA SER A 136 -9.98 -8.93 -6.00
C SER A 136 -10.42 -10.13 -5.16
N SER A 137 -9.52 -10.64 -4.34
CA SER A 137 -9.78 -11.72 -3.39
C SER A 137 -8.72 -11.69 -2.29
N ARG A 138 -9.03 -12.27 -1.13
CA ARG A 138 -8.03 -12.42 -0.10
C ARG A 138 -7.49 -13.84 -0.27
N GLY A 139 -6.20 -13.93 -0.58
CA GLY A 139 -5.55 -15.20 -0.85
C GLY A 139 -5.77 -15.64 -2.29
N SER A 140 -5.01 -16.66 -2.70
CA SER A 140 -5.09 -17.24 -4.04
C SER A 140 -5.64 -18.66 -3.96
N SER A 141 -5.14 -19.41 -2.98
CA SER A 141 -5.42 -20.83 -2.73
C SER A 141 -6.89 -21.24 -2.60
N ASP A 142 -7.57 -20.77 -1.52
CA ASP A 142 -8.98 -20.90 -1.14
C ASP A 142 -9.45 -19.44 -1.14
N PRO A 143 -9.45 -18.77 -2.31
CA PRO A 143 -9.72 -17.32 -2.33
C PRO A 143 -11.05 -16.96 -1.69
N GLN A 144 -11.02 -15.93 -0.82
CA GLN A 144 -12.20 -15.42 -0.13
C GLN A 144 -12.61 -14.13 -0.82
N GLY A 145 -13.89 -13.96 -1.01
CA GLY A 145 -14.42 -12.82 -1.76
C GLY A 145 -14.17 -11.42 -1.29
N VAL A 146 -13.82 -10.58 -2.25
CA VAL A 146 -13.78 -9.14 -2.14
C VAL A 146 -14.57 -8.61 -3.31
N THR A 147 -15.49 -7.66 -3.06
CA THR A 147 -16.34 -7.08 -4.12
C THR A 147 -15.82 -5.70 -4.47
N CYS A 148 -15.62 -5.43 -5.77
CA CYS A 148 -15.15 -4.13 -6.27
C CYS A 148 -16.24 -3.49 -7.10
N GLY A 149 -16.27 -2.17 -7.06
CA GLY A 149 -17.19 -1.38 -7.86
C GLY A 149 -16.63 -1.21 -9.24
N ALA A 150 -17.35 -0.53 -10.10
CA ALA A 150 -16.87 -0.29 -11.46
C ALA A 150 -15.74 0.72 -11.39
N ALA A 151 -14.72 0.59 -12.28
CA ALA A 151 -13.61 1.55 -12.34
C ALA A 151 -14.14 2.80 -13.00
N THR A 152 -13.64 3.95 -12.56
CA THR A 152 -14.20 5.21 -12.98
C THR A 152 -13.16 6.31 -13.08
N LEU A 153 -13.33 7.27 -14.00
CA LEU A 153 -12.44 8.40 -14.01
C LEU A 153 -12.71 9.09 -12.65
N SER A 154 -11.67 9.63 -12.04
CA SER A 154 -11.82 10.26 -10.75
C SER A 154 -11.18 11.63 -10.73
N ALA A 155 -10.25 11.86 -11.63
CA ALA A 155 -9.61 13.16 -11.80
C ALA A 155 -8.93 13.27 -13.14
N GLU A 156 -8.85 14.47 -13.68
CA GLU A 156 -8.17 14.71 -14.95
C GLU A 156 -7.33 15.96 -14.86
N ARG A 157 -5.98 15.78 -14.70
CA ARG A 157 -4.99 16.83 -14.41
C ARG A 157 -3.95 17.10 -15.49
N ARG A 159 -2.07 23.77 -22.75
CA ARG A 159 -2.02 22.66 -21.82
C ARG A 159 -2.08 21.26 -22.49
N GLY A 160 -1.03 20.45 -22.26
CA GLY A 160 -0.86 19.09 -22.77
C GLY A 160 0.21 18.29 -22.04
N ASP A 161 1.38 18.95 -21.78
CA ASP A 161 2.55 18.40 -21.07
C ASP A 161 2.15 17.66 -19.79
N ASN A 162 1.16 18.21 -19.06
CA ASN A 162 0.56 17.60 -17.89
C ASN A 162 -0.95 17.29 -18.20
N LYS A 163 -1.22 16.33 -19.17
CA LYS A 163 -2.57 15.82 -19.54
C LYS A 163 -2.65 14.35 -19.07
N GLU A 164 -3.10 14.12 -17.83
CA GLU A 164 -3.16 12.79 -17.25
C GLU A 164 -4.47 12.48 -16.60
N TYR A 165 -4.91 11.24 -16.76
CA TYR A 165 -6.20 10.77 -16.26
C TYR A 165 -6.01 9.82 -15.14
N GLU A 166 -6.77 10.01 -14.07
CA GLU A 166 -6.71 9.15 -12.92
C GLU A 166 -8.00 8.40 -12.75
N TYR A 167 -7.88 7.09 -12.66
CA TYR A 167 -8.99 6.18 -12.48
C TYR A 167 -8.95 5.62 -11.07
N SER A 168 -10.08 5.19 -10.55
CA SER A 168 -10.14 4.62 -9.21
C SER A 168 -11.26 3.60 -9.14
N VAL A 169 -11.19 2.74 -8.14
CA VAL A 169 -12.18 1.72 -7.83
C VAL A 169 -12.20 1.58 -6.33
N GLU A 170 -13.37 1.25 -5.77
CA GLU A 170 -13.53 1.02 -4.35
C GLU A 170 -13.90 -0.44 -4.18
N CYS A 171 -13.24 -1.11 -3.24
CA CYS A 171 -13.48 -2.52 -3.00
C CYS A 171 -13.87 -2.72 -1.53
N GLN A 172 -14.59 -3.80 -1.26
CA GLN A 172 -14.98 -4.16 0.09
C GLN A 172 -14.80 -5.65 0.28
N GLU A 173 -14.04 -6.06 1.31
CA GLU A 173 -13.87 -7.46 1.64
C GLU A 173 -15.20 -8.01 2.13
N ASP A 174 -15.66 -9.12 1.53
CA ASP A 174 -16.97 -9.68 1.85
C ASP A 174 -17.22 -10.04 3.33
N SER A 175 -16.27 -10.73 3.96
CA SER A 175 -16.44 -11.06 5.37
C SER A 175 -15.25 -10.46 6.12
N ALA A 176 -15.27 -9.15 6.40
CA ALA A 176 -14.13 -8.53 7.08
C ALA A 176 -14.25 -8.62 8.58
N CYS A 177 -13.10 -8.72 9.26
CA CYS A 177 -13.01 -8.73 10.71
C CYS A 177 -11.95 -7.72 11.08
N PRO A 178 -12.35 -6.45 11.28
CA PRO A 178 -11.37 -5.38 11.52
C PRO A 178 -10.33 -5.62 12.60
N ALA A 179 -10.69 -6.34 13.69
CA ALA A 179 -9.75 -6.58 14.79
C ALA A 179 -8.74 -7.69 14.59
N ALA A 180 -9.03 -8.62 13.68
CA ALA A 180 -8.18 -9.78 13.43
C ALA A 180 -6.80 -9.44 12.86
N GLU A 181 -5.80 -10.33 13.11
CA GLU A 181 -4.44 -10.23 12.56
C GLU A 181 -4.54 -10.91 11.17
N GLU A 182 -4.40 -10.16 10.08
CA GLU A 182 -4.54 -10.72 8.72
C GLU A 182 -3.46 -11.76 8.44
N SER A 183 -3.86 -12.87 7.82
CA SER A 183 -2.96 -13.95 7.49
C SER A 183 -2.56 -14.02 6.03
N LEU A 184 -3.50 -13.75 5.14
CA LEU A 184 -3.25 -13.84 3.72
C LEU A 184 -3.48 -12.49 3.10
N PRO A 185 -2.66 -12.07 2.12
CA PRO A 185 -2.89 -10.74 1.56
C PRO A 185 -4.05 -10.65 0.60
N ILE A 186 -4.50 -9.43 0.36
CA ILE A 186 -5.50 -9.11 -0.65
C ILE A 186 -4.72 -9.06 -1.96
N GLU A 187 -5.32 -9.58 -3.03
CA GLU A 187 -4.78 -9.57 -4.39
C GLU A 187 -5.72 -8.68 -5.19
N VAL A 188 -5.20 -7.76 -6.00
CA VAL A 188 -6.04 -6.89 -6.86
C VAL A 188 -5.58 -7.11 -8.26
N MET A 189 -6.52 -7.29 -9.20
CA MET A 189 -6.13 -7.48 -10.59
C MET A 189 -6.90 -6.58 -11.50
N VAL A 190 -6.20 -5.88 -12.39
CA VAL A 190 -6.87 -4.99 -13.32
C VAL A 190 -6.63 -5.43 -14.76
N ASP A 191 -7.72 -5.67 -15.48
CA ASP A 191 -7.66 -6.00 -16.90
C ASP A 191 -7.77 -4.66 -17.63
N ALA A 192 -6.81 -4.31 -18.44
CA ALA A 192 -6.89 -3.05 -19.17
C ALA A 192 -6.95 -3.34 -20.68
N VAL A 193 -7.88 -2.70 -21.37
CA VAL A 193 -7.99 -2.90 -22.83
C VAL A 193 -8.04 -1.58 -23.54
N HIS A 194 -7.04 -1.33 -24.39
CA HIS A 194 -7.03 -0.10 -25.18
C HIS A 194 -7.19 -0.51 -26.63
N LYS A 195 -8.38 -0.25 -27.18
CA LYS A 195 -8.68 -0.65 -28.54
C LYS A 195 -8.57 -2.21 -28.63
N LEU A 196 -7.54 -2.75 -29.33
CA LEU A 196 -7.32 -4.19 -29.45
C LEU A 196 -6.13 -4.68 -28.66
N LYS A 197 -5.58 -3.82 -27.76
CA LYS A 197 -4.43 -4.15 -26.95
C LYS A 197 -4.83 -4.52 -25.54
N TYR A 198 -4.48 -5.74 -25.10
CA TYR A 198 -4.76 -6.17 -23.73
C TYR A 198 -3.51 -6.02 -22.84
N GLU A 199 -3.72 -5.67 -21.55
CA GLU A 199 -2.64 -5.60 -20.56
C GLU A 199 -3.22 -5.95 -19.22
N ASN A 200 -2.42 -6.54 -18.33
CA ASN A 200 -2.89 -6.76 -16.98
C ASN A 200 -1.95 -6.32 -15.90
N TYR A 201 -2.54 -5.85 -14.82
CA TYR A 201 -1.83 -5.28 -13.71
C TYR A 201 -2.34 -5.90 -12.42
N THR A 202 -1.43 -6.04 -11.46
CA THR A 202 -1.77 -6.69 -10.21
C THR A 202 -1.06 -6.06 -9.03
N SER A 203 -1.67 -6.15 -7.87
CA SER A 203 -1.11 -5.62 -6.63
C SER A 203 -1.43 -6.64 -5.54
N SER A 204 -0.60 -6.68 -4.50
CA SER A 204 -0.81 -7.60 -3.39
C SER A 204 -0.40 -6.89 -2.07
N PHE A 205 -1.25 -6.97 -1.02
CA PHE A 205 -0.99 -6.24 0.22
C PHE A 205 -1.90 -6.67 1.37
N PHE A 206 -1.51 -6.30 2.59
CA PHE A 206 -2.36 -6.45 3.75
C PHE A 206 -2.97 -5.06 3.99
N ILE A 207 -4.23 -5.01 4.42
CA ILE A 207 -4.92 -3.74 4.72
C ILE A 207 -4.10 -2.92 5.75
N ARG A 208 -3.57 -3.59 6.77
CA ARG A 208 -2.81 -2.90 7.81
C ARG A 208 -1.69 -2.04 7.25
N ASP A 209 -1.08 -2.48 6.14
CA ASP A 209 0.04 -1.80 5.53
C ASP A 209 -0.33 -0.59 4.66
N ILE A 210 -1.60 -0.49 4.22
CA ILE A 210 -2.14 0.56 3.32
C ILE A 210 -2.95 1.64 4.05
N ILE A 211 -3.04 1.49 5.38
CA ILE A 211 -3.80 2.43 6.20
C ILE A 211 -3.19 3.84 6.13
N LYS A 212 -4.04 4.84 5.97
CA LYS A 212 -3.64 6.25 6.07
C LYS A 212 -4.88 6.97 6.63
N PRO A 213 -4.87 7.34 7.92
CA PRO A 213 -6.08 7.97 8.46
C PRO A 213 -6.37 9.28 7.77
N ASP A 214 -7.64 9.70 7.87
CA ASP A 214 -8.02 11.02 7.41
C ASP A 214 -7.45 11.99 8.48
N PRO A 215 -7.35 13.31 8.18
CA PRO A 215 -6.78 14.23 9.17
C PRO A 215 -7.66 14.35 10.42
N PRO A 216 -7.12 14.86 11.53
CA PRO A 216 -7.98 15.08 12.71
C PRO A 216 -9.07 16.10 12.37
N LYS A 217 -10.25 15.96 12.95
CA LYS A 217 -11.34 16.91 12.68
C LYS A 217 -11.56 17.97 13.79
N ASN A 218 -12.45 18.91 13.53
CA ASN A 218 -12.82 20.00 14.44
C ASN A 218 -11.64 20.56 15.21
N LEU A 219 -10.60 20.92 14.48
CA LEU A 219 -9.41 21.52 15.10
C LEU A 219 -9.83 22.89 15.66
N GLN A 220 -9.48 23.16 16.91
CA GLN A 220 -9.88 24.41 17.57
C GLN A 220 -8.82 24.97 18.52
N LEU A 221 -8.84 26.30 18.76
CA LEU A 221 -7.95 26.98 19.70
C LEU A 221 -8.78 27.64 20.83
N LYS A 222 -8.48 27.28 22.08
CA LYS A 222 -9.24 27.78 23.21
C LYS A 222 -8.32 28.50 24.18
N PRO A 223 -8.56 29.80 24.49
CA PRO A 223 -7.63 30.54 25.37
C PRO A 223 -7.58 29.96 26.76
N LEU A 224 -6.42 30.03 27.43
CA LEU A 224 -6.35 29.53 28.80
C LEU A 224 -6.39 30.72 29.80
N LYS A 225 -6.97 30.49 31.00
CA LYS A 225 -7.21 31.53 32.03
C LYS A 225 -5.97 32.28 32.59
N ASN A 226 -5.53 32.00 33.82
CA ASN A 226 -4.35 32.70 34.31
C ASN A 226 -3.04 32.06 33.78
N SER A 227 -3.05 31.83 32.45
CA SER A 227 -1.98 31.28 31.61
C SER A 227 -2.08 32.06 30.31
N ARG A 228 -0.97 32.23 29.56
CA ARG A 228 -1.08 32.97 28.30
C ARG A 228 -0.60 32.26 27.00
N GLN A 229 -1.05 31.01 26.87
CA GLN A 229 -0.85 30.05 25.77
C GLN A 229 -2.22 29.44 25.44
N VAL A 230 -2.43 28.87 24.24
CA VAL A 230 -3.75 28.31 23.87
C VAL A 230 -3.86 26.82 24.13
N GLU A 231 -5.11 26.34 24.18
CA GLU A 231 -5.42 24.94 24.34
C GLU A 231 -5.84 24.53 22.94
N VAL A 232 -5.01 23.69 22.31
CA VAL A 232 -5.32 23.15 20.99
C VAL A 232 -6.13 21.87 21.16
N SER A 233 -7.25 21.75 20.46
CA SER A 233 -8.10 20.56 20.58
C SER A 233 -8.54 20.06 19.21
N TRP A 234 -8.93 18.78 19.13
CA TRP A 234 -9.34 18.17 17.87
C TRP A 234 -10.04 16.85 18.14
N GLU A 235 -10.57 16.23 17.09
CA GLU A 235 -11.27 14.96 17.19
C GLU A 235 -10.74 13.96 16.21
N TYR A 236 -11.00 12.66 16.46
CA TYR A 236 -10.61 11.59 15.56
C TYR A 236 -11.47 11.79 14.30
N PRO A 237 -10.95 11.44 13.11
CA PRO A 237 -11.76 11.59 11.90
C PRO A 237 -12.96 10.64 11.92
N ASP A 238 -14.05 11.09 11.27
CA ASP A 238 -15.31 10.35 11.20
C ASP A 238 -15.15 8.99 10.55
N THR A 239 -14.23 8.88 9.59
CA THR A 239 -14.00 7.63 8.87
C THR A 239 -13.18 6.58 9.67
N TRP A 240 -12.43 7.02 10.71
CA TRP A 240 -11.60 6.10 11.48
C TRP A 240 -12.40 4.99 12.14
N SER A 241 -11.79 3.78 12.30
CA SER A 241 -12.47 2.64 12.89
C SER A 241 -12.87 2.88 14.32
N THR A 242 -13.99 2.29 14.75
CA THR A 242 -14.45 2.38 16.13
C THR A 242 -14.55 0.98 16.72
N PRO A 243 -14.50 0.83 18.05
CA PRO A 243 -14.34 1.86 19.09
C PRO A 243 -12.95 2.45 19.13
N HIS A 244 -12.84 3.74 19.43
CA HIS A 244 -11.55 4.41 19.52
C HIS A 244 -10.72 3.92 20.69
N SER A 245 -11.35 3.28 21.67
CA SER A 245 -10.66 2.74 22.85
C SER A 245 -9.83 1.51 22.45
N TYR A 246 -10.14 0.90 21.28
CA TYR A 246 -9.44 -0.26 20.75
C TYR A 246 -8.52 0.23 19.62
N PHE A 247 -9.10 0.82 18.53
CA PHE A 247 -8.36 1.38 17.38
C PHE A 247 -7.84 2.78 17.72
N SER A 248 -6.84 2.86 18.60
CA SER A 248 -6.27 4.13 19.06
C SER A 248 -5.43 4.83 18.02
N LEU A 249 -5.39 6.17 18.08
CA LEU A 249 -4.52 6.98 17.20
C LEU A 249 -3.48 7.73 18.06
N THR A 250 -2.39 8.18 17.43
CA THR A 250 -1.38 9.03 18.06
C THR A 250 -1.30 10.27 17.20
N PHE A 251 -0.93 11.42 17.77
CA PHE A 251 -0.91 12.68 17.06
C PHE A 251 0.41 13.44 17.13
N CYS A 252 0.60 14.35 16.16
CA CYS A 252 1.74 15.24 16.09
C CYS A 252 1.21 16.63 15.93
N VAL A 253 1.62 17.53 16.82
CA VAL A 253 1.19 18.92 16.78
C VAL A 253 2.40 19.74 16.40
N GLN A 254 2.23 20.63 15.44
CA GLN A 254 3.31 21.46 14.93
C GLN A 254 2.88 22.92 14.86
N VAL A 255 3.70 23.80 15.43
CA VAL A 255 3.50 25.26 15.38
C VAL A 255 4.51 25.77 14.37
N GLN A 256 4.04 26.68 13.48
CA GLN A 256 4.80 27.24 12.36
C GLN A 256 4.57 28.74 12.20
N LYS A 263 12.27 20.51 14.72
CA LYS A 263 12.59 21.56 13.74
C LYS A 263 11.81 22.89 13.99
N LYS A 264 10.56 23.02 13.42
CA LYS A 264 9.68 24.20 13.49
C LYS A 264 9.06 24.44 14.88
N ASP A 265 9.09 23.38 15.76
CA ASP A 265 8.58 23.21 17.14
C ASP A 265 7.44 22.17 17.01
N ARG A 266 7.71 20.91 17.36
CA ARG A 266 6.74 19.81 17.23
C ARG A 266 6.57 19.06 18.55
N VAL A 267 5.33 18.73 18.88
CA VAL A 267 4.91 18.04 20.09
C VAL A 267 4.22 16.72 19.65
N PHE A 268 4.38 15.64 20.42
CA PHE A 268 3.69 14.40 20.12
C PHE A 268 2.78 14.06 21.28
N THR A 269 1.58 13.52 20.99
CA THR A 269 0.63 13.18 22.06
C THR A 269 -0.37 12.12 21.63
N ASP A 270 -0.85 11.32 22.59
CA ASP A 270 -1.90 10.35 22.34
C ASP A 270 -3.21 11.02 22.69
N LYS A 271 -3.14 12.17 23.39
CA LYS A 271 -4.33 12.92 23.78
C LYS A 271 -4.91 13.69 22.58
N THR A 272 -6.18 14.09 22.66
CA THR A 272 -6.78 14.87 21.57
C THR A 272 -6.73 16.36 21.90
N SER A 273 -5.75 16.73 22.73
CA SER A 273 -5.54 18.12 23.12
C SER A 273 -4.09 18.35 23.48
N ALA A 274 -3.65 19.60 23.36
CA ALA A 274 -2.29 20.02 23.67
C ALA A 274 -2.32 21.49 23.96
N THR A 275 -1.33 21.96 24.70
CA THR A 275 -1.22 23.36 25.10
C THR A 275 0.06 23.92 24.54
N VAL A 276 -0.05 24.93 23.68
CA VAL A 276 1.07 25.56 22.99
C VAL A 276 1.07 27.09 23.08
N ILE A 277 2.17 27.75 22.72
CA ILE A 277 2.23 29.20 22.71
C ILE A 277 2.07 29.69 21.28
N CYS A 278 0.85 30.09 20.97
CA CYS A 278 0.45 30.63 19.68
C CYS A 278 1.02 32.03 19.50
N ARG A 279 1.92 32.19 18.53
CA ARG A 279 2.51 33.46 18.10
C ARG A 279 1.40 34.24 17.31
N LYS A 280 1.79 35.20 16.44
CA LYS A 280 0.84 35.96 15.62
C LYS A 280 0.56 35.28 14.28
N SER A 283 -1.53 28.28 11.32
CA SER A 283 -0.32 28.32 12.12
C SER A 283 -0.09 27.08 12.99
N ILE A 284 -1.15 26.49 13.59
CA ILE A 284 -0.99 25.24 14.35
C ILE A 284 -1.50 24.11 13.46
N SER A 285 -0.70 23.04 13.28
CA SER A 285 -1.08 21.88 12.47
C SER A 285 -1.06 20.60 13.28
N VAL A 286 -1.99 19.69 13.00
CA VAL A 286 -2.07 18.39 13.67
C VAL A 286 -2.26 17.27 12.65
N ARG A 287 -1.53 16.16 12.81
CA ARG A 287 -1.68 14.96 11.98
C ARG A 287 -1.81 13.69 12.86
N ALA A 288 -2.31 12.58 12.28
CA ALA A 288 -2.58 11.36 13.03
C ALA A 288 -1.99 10.12 12.39
N GLN A 289 -1.75 9.09 13.23
CA GLN A 289 -1.17 7.81 12.80
C GLN A 289 -1.76 6.72 13.69
N ASP A 290 -1.83 5.47 13.21
CA ASP A 290 -2.28 4.37 14.07
C ASP A 290 -1.32 4.31 15.25
N ARG A 291 -1.85 4.22 16.49
CA ARG A 291 -0.98 4.22 17.67
C ARG A 291 -0.08 2.98 17.79
N TYR A 292 -0.53 1.83 17.27
CA TYR A 292 0.20 0.59 17.49
C TYR A 292 0.87 -0.06 16.34
N TYR A 293 0.34 0.12 15.14
CA TYR A 293 1.04 -0.47 14.04
C TYR A 293 1.88 0.66 13.60
N SER A 294 1.49 1.36 12.63
CA SER A 294 2.32 2.49 12.32
C SER A 294 1.53 2.96 11.18
N SER A 295 1.98 2.61 9.98
CA SER A 295 1.40 3.01 8.74
C SER A 295 1.64 4.54 8.55
N SER A 296 1.13 5.07 7.45
CA SER A 296 1.34 6.46 7.12
C SER A 296 0.63 7.46 8.07
N TRP A 297 1.29 8.62 8.24
CA TRP A 297 0.71 9.71 8.97
C TRP A 297 -0.37 10.31 8.05
N SER A 298 -1.45 10.86 8.63
CA SER A 298 -2.50 11.52 7.86
C SER A 298 -1.97 12.82 7.27
N GLU A 299 -2.76 13.46 6.40
CA GLU A 299 -2.45 14.78 5.86
C GLU A 299 -2.62 15.75 7.06
N TRP A 300 -1.98 16.94 7.03
CA TRP A 300 -2.10 17.89 8.15
C TRP A 300 -3.45 18.60 8.18
N ALA A 301 -3.91 18.97 9.38
CA ALA A 301 -5.09 19.77 9.59
C ALA A 301 -4.54 21.04 10.20
N SER A 302 -4.88 22.21 9.63
CA SER A 302 -4.35 23.45 10.18
C SER A 302 -5.36 24.49 10.66
N VAL A 303 -4.90 25.35 11.56
CA VAL A 303 -5.66 26.46 12.13
C VAL A 303 -4.74 27.64 12.27
N PRO A 304 -5.15 28.85 11.87
CA PRO A 304 -4.25 30.00 12.04
C PRO A 304 -4.19 30.50 13.48
N CYS A 305 -2.99 30.87 13.93
CA CYS A 305 -2.75 31.41 15.26
C CYS A 305 -3.39 32.78 15.28
N SER B 7 -7.24 -12.14 39.48
CA SER B 7 -8.27 -12.19 38.46
C SER B 7 -8.21 -10.97 37.52
N SER B 8 -7.96 -9.76 38.09
CA SER B 8 -7.80 -8.51 37.31
C SER B 8 -6.44 -8.65 36.62
N PRO B 9 -6.36 -8.73 35.29
CA PRO B 9 -5.04 -8.94 34.68
C PRO B 9 -4.20 -7.67 34.59
N ALA B 10 -4.38 -6.71 35.54
CA ALA B 10 -3.72 -5.39 35.63
C ALA B 10 -3.72 -4.67 34.28
N TRP B 11 -4.93 -4.40 33.76
CA TRP B 11 -5.16 -3.75 32.47
C TRP B 11 -4.22 -2.60 32.13
N THR B 12 -4.02 -1.65 33.07
CA THR B 12 -3.17 -0.48 32.87
C THR B 12 -1.73 -0.84 32.59
N GLN B 13 -1.14 -1.73 33.40
CA GLN B 13 0.25 -2.16 33.22
C GLN B 13 0.41 -2.91 31.92
N CYS B 14 -0.61 -3.70 31.55
CA CYS B 14 -0.60 -4.47 30.31
C CYS B 14 -0.70 -3.55 29.13
N GLN B 15 -1.49 -2.49 29.26
CA GLN B 15 -1.66 -1.49 28.22
C GLN B 15 -0.34 -0.77 28.01
N GLN B 16 0.32 -0.36 29.08
CA GLN B 16 1.58 0.36 28.98
C GLN B 16 2.67 -0.50 28.34
N LEU B 17 2.77 -1.78 28.75
CA LEU B 17 3.77 -2.73 28.24
C LEU B 17 3.52 -3.02 26.77
N SER B 18 2.25 -3.29 26.41
CA SER B 18 1.91 -3.59 25.01
C SER B 18 2.19 -2.42 24.09
N GLN B 19 2.04 -1.20 24.59
CA GLN B 19 2.29 0.01 23.81
C GLN B 19 3.78 0.12 23.54
N LYS B 20 4.63 -0.17 24.57
CA LYS B 20 6.08 -0.13 24.44
C LYS B 20 6.51 -1.20 23.44
N LEU B 21 5.85 -2.38 23.44
CA LEU B 21 6.18 -3.46 22.51
C LEU B 21 5.95 -2.99 21.07
N CYS B 22 4.86 -2.23 20.85
CA CYS B 22 4.56 -1.69 19.53
C CYS B 22 5.62 -0.73 19.10
N THR B 23 6.06 0.14 20.02
CA THR B 23 7.11 1.11 19.76
C THR B 23 8.39 0.41 19.36
N LEU B 24 8.83 -0.55 20.18
CA LEU B 24 10.06 -1.31 19.93
C LEU B 24 10.01 -2.01 18.57
N ALA B 25 8.86 -2.62 18.25
CA ALA B 25 8.72 -3.41 17.06
C ALA B 25 8.87 -2.62 15.78
N TRP B 26 8.64 -1.29 15.83
CA TRP B 26 8.75 -0.42 14.66
C TRP B 26 9.97 0.51 14.79
N SER B 27 10.68 0.50 15.93
CA SER B 27 11.83 1.38 16.16
C SER B 27 12.98 1.23 15.17
N ALA B 28 13.21 0.02 14.66
CA ALA B 28 14.28 -0.29 13.71
C ALA B 28 13.78 -1.13 12.58
N HIS B 29 14.37 -0.94 11.40
CA HIS B 29 14.00 -1.77 10.27
C HIS B 29 14.81 -3.07 10.47
N PRO B 30 14.22 -4.29 10.26
CA PRO B 30 15.02 -5.51 10.47
C PRO B 30 16.11 -5.75 9.43
N LEU B 31 15.78 -5.65 8.13
CA LEU B 31 16.68 -5.89 7.01
C LEU B 31 17.94 -5.04 7.07
N VAL B 32 19.07 -5.62 6.67
CA VAL B 32 20.44 -5.06 6.65
C VAL B 32 20.86 -4.22 5.35
N GLY B 33 21.86 -4.64 4.55
CA GLY B 33 22.23 -3.96 3.28
C GLY B 33 21.69 -4.71 2.05
N HIS B 34 20.71 -5.55 2.37
CA HIS B 34 19.97 -6.68 1.85
C HIS B 34 18.61 -6.25 1.30
N MET B 35 18.18 -6.79 0.15
CA MET B 35 16.86 -6.48 -0.44
C MET B 35 16.32 -7.58 -1.37
N ASP B 36 15.00 -7.58 -1.60
CA ASP B 36 14.29 -8.52 -2.46
C ASP B 36 12.81 -8.10 -2.55
N LEU B 37 12.08 -8.61 -3.58
CA LEU B 37 10.65 -8.34 -3.84
C LEU B 37 9.76 -9.48 -3.33
N ARG B 38 10.19 -10.74 -3.59
CA ARG B 38 9.47 -11.95 -3.20
C ARG B 38 10.42 -13.11 -2.96
N PRO B 50 -1.10 -19.17 14.07
CA PRO B 50 -0.61 -18.46 15.28
C PRO B 50 -1.13 -17.01 15.34
N HIS B 51 -2.34 -16.84 14.74
CA HIS B 51 -3.04 -15.59 14.49
C HIS B 51 -4.34 -15.46 15.27
N ILE B 52 -4.62 -14.22 15.72
CA ILE B 52 -5.84 -13.92 16.44
C ILE B 52 -6.93 -13.76 15.37
N GLN B 53 -7.79 -14.77 15.22
CA GLN B 53 -8.87 -14.81 14.23
C GLN B 53 -10.16 -14.23 14.76
N CYS B 54 -11.17 -14.01 13.88
CA CYS B 54 -12.45 -13.47 14.35
C CYS B 54 -13.12 -14.27 15.44
N GLY B 55 -12.96 -15.59 15.39
CA GLY B 55 -13.54 -16.47 16.40
C GLY B 55 -12.87 -16.47 17.76
N ASP B 56 -11.67 -15.87 17.90
CA ASP B 56 -10.91 -15.83 19.15
C ASP B 56 -11.40 -14.84 20.23
N GLY B 57 -12.42 -14.05 19.88
CA GLY B 57 -13.07 -13.07 20.74
C GLY B 57 -12.22 -11.94 21.28
N CYS B 58 -11.34 -11.38 20.43
CA CYS B 58 -10.48 -10.28 20.85
C CYS B 58 -11.02 -8.95 20.36
N ASP B 59 -12.21 -9.00 19.72
CA ASP B 59 -12.93 -7.83 19.25
C ASP B 59 -13.67 -7.25 20.47
N PRO B 60 -14.00 -5.93 20.42
CA PRO B 60 -14.68 -5.28 21.56
C PRO B 60 -15.90 -6.00 22.14
N GLN B 61 -16.83 -6.43 21.28
CA GLN B 61 -18.02 -7.13 21.75
C GLN B 61 -17.61 -8.40 22.49
N GLY B 62 -16.70 -9.16 21.89
CA GLY B 62 -16.18 -10.40 22.45
C GLY B 62 -15.44 -10.24 23.76
N LEU B 63 -14.68 -9.15 23.93
CA LEU B 63 -13.92 -8.90 25.17
C LEU B 63 -14.88 -8.54 26.28
N ARG B 64 -16.00 -7.96 25.88
CA ARG B 64 -17.07 -7.52 26.77
C ARG B 64 -17.63 -8.74 27.50
N ASP B 65 -18.21 -9.65 26.74
CA ASP B 65 -18.82 -10.88 27.22
C ASP B 65 -17.85 -11.66 28.07
N ASN B 66 -16.80 -12.18 27.45
CA ASN B 66 -15.82 -12.99 28.16
C ASN B 66 -14.43 -12.76 27.61
N SER B 67 -13.57 -12.15 28.43
CA SER B 67 -12.21 -11.77 28.11
C SER B 67 -11.15 -12.86 28.26
N GLN B 68 -11.40 -13.90 29.07
CA GLN B 68 -10.44 -14.98 29.29
C GLN B 68 -9.97 -15.67 27.99
N PHE B 69 -10.86 -15.86 27.02
CA PHE B 69 -10.53 -16.49 25.72
C PHE B 69 -9.45 -15.68 25.03
N CYS B 70 -9.72 -14.39 24.90
CA CYS B 70 -8.80 -13.50 24.25
C CYS B 70 -7.44 -13.50 24.93
N LEU B 71 -7.43 -13.32 26.25
CA LEU B 71 -6.20 -13.27 27.02
C LEU B 71 -5.40 -14.54 26.95
N GLN B 72 -6.06 -15.69 26.84
CA GLN B 72 -5.38 -16.98 26.71
C GLN B 72 -4.68 -17.04 25.35
N ARG B 73 -5.37 -16.56 24.29
CA ARG B 73 -4.84 -16.48 22.92
C ARG B 73 -3.65 -15.51 22.85
N ILE B 74 -3.73 -14.39 23.58
CA ILE B 74 -2.62 -13.43 23.60
C ILE B 74 -1.43 -14.06 24.32
N HIS B 75 -1.70 -14.72 25.45
CA HIS B 75 -0.62 -15.33 26.21
C HIS B 75 0.13 -16.34 25.37
N GLN B 76 -0.60 -17.18 24.62
CA GLN B 76 -0.04 -18.20 23.75
C GLN B 76 0.81 -17.57 22.62
N GLY B 77 0.32 -16.48 22.07
CA GLY B 77 1.06 -15.76 21.04
C GLY B 77 2.37 -15.22 21.60
N LEU B 78 2.33 -14.59 22.78
CA LEU B 78 3.55 -14.04 23.38
C LEU B 78 4.63 -15.09 23.64
N ILE B 79 4.20 -16.28 24.11
CA ILE B 79 5.11 -17.38 24.38
C ILE B 79 5.70 -17.84 23.07
N PHE B 80 4.88 -17.84 22.01
CA PHE B 80 5.31 -18.26 20.69
C PHE B 80 6.44 -17.38 20.17
N TYR B 81 6.26 -16.07 20.26
CA TYR B 81 7.29 -15.14 19.80
C TYR B 81 8.56 -15.09 20.67
N GLU B 82 8.42 -15.24 22.01
CA GLU B 82 9.59 -15.22 22.88
C GLU B 82 10.48 -16.41 22.57
N LYS B 83 9.86 -17.55 22.24
CA LYS B 83 10.59 -18.75 21.84
C LYS B 83 11.32 -18.56 20.51
N LEU B 84 10.70 -17.88 19.56
CA LEU B 84 11.36 -17.63 18.30
C LEU B 84 12.54 -16.66 18.46
N LEU B 85 12.34 -15.59 19.25
CA LEU B 85 13.35 -14.59 19.45
C LEU B 85 14.56 -15.07 20.25
N GLY B 86 14.37 -16.14 21.03
CA GLY B 86 15.43 -16.72 21.82
C GLY B 86 16.09 -17.90 21.14
N SER B 87 15.59 -18.25 19.94
CA SER B 87 16.09 -19.36 19.18
C SER B 87 17.32 -18.96 18.34
N ASP B 88 18.03 -19.98 17.82
CA ASP B 88 19.21 -19.81 16.97
C ASP B 88 18.98 -18.93 15.73
N ILE B 89 17.70 -18.71 15.32
CA ILE B 89 17.39 -17.81 14.21
C ILE B 89 17.96 -16.45 14.57
N PHE B 90 17.75 -16.05 15.83
CA PHE B 90 18.16 -14.73 16.32
C PHE B 90 19.49 -14.70 17.04
N THR B 91 19.83 -15.75 17.80
CA THR B 91 21.10 -15.82 18.55
C THR B 91 22.06 -16.49 17.59
N GLY B 92 23.15 -15.87 17.29
CA GLY B 92 24.00 -16.54 16.33
C GLY B 92 24.06 -15.82 15.03
N GLU B 93 24.95 -16.30 14.18
CA GLU B 93 25.33 -15.69 12.93
C GLU B 93 24.27 -15.61 11.85
N PRO B 94 24.27 -14.52 11.05
CA PRO B 94 25.08 -13.30 11.18
C PRO B 94 24.61 -12.55 12.43
N SER B 95 25.55 -12.14 13.31
CA SER B 95 25.21 -11.47 14.57
C SER B 95 24.38 -10.22 14.41
N LEU B 96 23.35 -10.07 15.26
CA LEU B 96 22.48 -8.89 15.26
C LEU B 96 23.32 -7.64 15.50
N LEU B 97 22.92 -6.51 14.89
CA LEU B 97 23.63 -5.24 15.01
C LEU B 97 23.42 -4.60 16.39
N PRO B 98 24.32 -3.74 16.88
CA PRO B 98 24.08 -3.12 18.20
C PRO B 98 22.79 -2.28 18.25
N ASP B 99 22.25 -1.87 17.10
CA ASP B 99 21.03 -1.07 17.08
C ASP B 99 19.76 -1.94 17.10
N SER B 100 19.90 -3.27 17.08
CA SER B 100 18.74 -4.16 17.08
C SER B 100 17.92 -4.06 18.38
N PRO B 101 16.58 -3.94 18.23
CA PRO B 101 15.71 -3.89 19.40
C PRO B 101 15.27 -5.29 19.83
N VAL B 102 15.84 -6.35 19.22
CA VAL B 102 15.47 -7.72 19.52
C VAL B 102 15.64 -8.06 20.99
N GLY B 103 16.75 -7.58 21.58
CA GLY B 103 17.02 -7.83 23.00
C GLY B 103 15.90 -7.34 23.89
N GLN B 104 15.52 -6.08 23.71
CA GLN B 104 14.49 -5.39 24.45
C GLN B 104 13.12 -5.98 24.17
N LEU B 105 12.86 -6.31 22.89
CA LEU B 105 11.59 -6.92 22.46
C LEU B 105 11.41 -8.22 23.23
N HIS B 106 12.45 -9.07 23.24
CA HIS B 106 12.38 -10.34 23.92
C HIS B 106 12.05 -10.16 25.38
N ALA B 107 12.78 -9.29 26.09
CA ALA B 107 12.53 -9.00 27.50
C ALA B 107 11.09 -8.50 27.73
N SER B 108 10.57 -7.64 26.82
CA SER B 108 9.20 -7.11 26.94
C SER B 108 8.14 -8.17 26.72
N LEU B 109 8.39 -9.13 25.80
CA LEU B 109 7.48 -10.25 25.55
C LEU B 109 7.41 -11.11 26.81
N LEU B 110 8.57 -11.31 27.46
CA LEU B 110 8.64 -12.08 28.71
C LEU B 110 7.91 -11.34 29.81
N GLY B 111 8.20 -10.06 29.93
CA GLY B 111 7.57 -9.18 30.91
C GLY B 111 6.07 -9.29 30.86
N LEU B 112 5.51 -9.14 29.66
CA LEU B 112 4.06 -9.18 29.46
C LEU B 112 3.47 -10.56 29.70
N SER B 113 4.12 -11.64 29.21
CA SER B 113 3.57 -13.00 29.38
C SER B 113 3.42 -13.34 30.85
N GLN B 114 4.36 -12.83 31.65
CA GLN B 114 4.38 -13.03 33.09
C GLN B 114 3.22 -12.32 33.78
N LEU B 115 2.88 -11.11 33.35
CA LEU B 115 1.75 -10.37 33.91
C LEU B 115 0.42 -11.06 33.62
N LEU B 116 0.38 -11.90 32.57
CA LEU B 116 -0.82 -12.58 32.14
C LEU B 116 -1.07 -13.85 32.91
N GLN B 117 0.00 -14.58 33.25
CA GLN B 117 -0.09 -15.83 34.01
C GLN B 117 1.22 -16.00 34.78
N PRO B 118 1.33 -15.32 35.95
CA PRO B 118 2.55 -15.39 36.77
C PRO B 118 2.89 -16.77 37.32
N GLU B 119 1.95 -17.39 38.07
CA GLU B 119 2.14 -18.70 38.72
C GLU B 119 2.37 -19.88 37.75
N GLY B 120 3.13 -20.88 38.23
CA GLY B 120 3.48 -22.09 37.51
C GLY B 120 4.08 -23.15 38.42
N LEU B 131 11.61 -25.10 9.37
CA LEU B 131 11.49 -24.42 10.64
C LEU B 131 12.80 -24.39 11.48
N SER B 132 13.98 -24.57 10.82
CA SER B 132 15.32 -24.53 11.46
C SER B 132 16.28 -23.67 10.61
N PRO B 133 16.98 -22.67 11.20
CA PRO B 133 17.91 -21.88 10.37
C PRO B 133 19.16 -22.68 9.98
N SER B 134 19.64 -22.50 8.75
CA SER B 134 20.86 -23.13 8.25
C SER B 134 21.80 -22.05 7.67
N GLN B 135 21.59 -21.67 6.37
CA GLN B 135 22.36 -20.66 5.64
C GLN B 135 22.12 -19.27 6.20
N PRO B 136 23.19 -18.47 6.39
CA PRO B 136 23.02 -17.12 6.93
C PRO B 136 22.02 -16.22 6.20
N TRP B 137 21.93 -16.24 4.84
CA TRP B 137 20.94 -15.42 4.11
C TRP B 137 19.50 -15.81 4.48
N GLN B 138 19.31 -17.07 4.87
CA GLN B 138 18.03 -17.59 5.28
C GLN B 138 17.65 -17.14 6.69
N ARG B 139 18.61 -16.97 7.62
CA ARG B 139 18.31 -16.39 8.94
C ARG B 139 17.93 -14.89 8.84
N LEU B 140 18.65 -14.12 8.00
CA LEU B 140 18.37 -12.69 7.82
C LEU B 140 16.92 -12.45 7.33
N LEU B 141 16.49 -13.26 6.35
CA LEU B 141 15.13 -13.20 5.84
C LEU B 141 14.11 -13.69 6.86
N LEU B 142 14.42 -14.77 7.59
CA LEU B 142 13.50 -15.29 8.59
C LEU B 142 13.28 -14.26 9.69
N ARG B 143 14.35 -13.58 10.11
CA ARG B 143 14.24 -12.57 11.15
C ARG B 143 13.30 -11.46 10.72
N PHE B 144 13.41 -11.03 9.43
CA PHE B 144 12.54 -9.99 8.89
C PHE B 144 11.12 -10.46 8.96
N LYS B 145 10.86 -11.69 8.47
CA LYS B 145 9.50 -12.24 8.45
C LYS B 145 8.83 -12.36 9.82
N ILE B 146 9.59 -12.85 10.82
CA ILE B 146 9.09 -13.03 12.17
C ILE B 146 8.75 -11.69 12.77
N LEU B 147 9.62 -10.70 12.54
CA LEU B 147 9.41 -9.37 13.11
C LEU B 147 8.22 -8.64 12.50
N ARG B 148 7.92 -8.92 11.24
CA ARG B 148 6.79 -8.31 10.57
C ARG B 148 5.52 -8.88 11.17
N SER B 149 5.50 -10.19 11.33
CA SER B 149 4.36 -10.90 11.87
C SER B 149 4.12 -10.49 13.37
N LEU B 150 5.24 -10.28 14.10
CA LEU B 150 5.20 -9.85 15.48
C LEU B 150 4.58 -8.47 15.59
N GLN B 151 4.86 -7.57 14.61
CA GLN B 151 4.29 -6.22 14.62
C GLN B 151 2.75 -6.27 14.60
N ALA B 152 2.20 -7.17 13.77
CA ALA B 152 0.76 -7.31 13.62
C ALA B 152 0.13 -7.83 14.91
N PHE B 153 0.78 -8.82 15.49
CA PHE B 153 0.33 -9.45 16.72
C PHE B 153 0.31 -8.48 17.89
N VAL B 154 1.43 -7.80 18.13
CA VAL B 154 1.49 -6.85 19.24
C VAL B 154 0.48 -5.72 19.17
N ALA B 155 0.13 -5.29 17.93
CA ALA B 155 -0.84 -4.24 17.72
C ALA B 155 -2.19 -4.73 18.18
N VAL B 156 -2.55 -6.00 17.84
CA VAL B 156 -3.84 -6.55 18.27
C VAL B 156 -3.90 -6.58 19.81
N ALA B 157 -2.80 -7.03 20.43
CA ALA B 157 -2.70 -7.10 21.90
C ALA B 157 -2.81 -5.74 22.54
N ALA B 158 -2.16 -4.73 21.94
CA ALA B 158 -2.21 -3.37 22.46
C ALA B 158 -3.61 -2.80 22.47
N ARG B 159 -4.41 -3.07 21.40
CA ARG B 159 -5.79 -2.58 21.29
C ARG B 159 -6.66 -3.25 22.33
N VAL B 160 -6.43 -4.55 22.54
CA VAL B 160 -7.17 -5.32 23.55
C VAL B 160 -6.96 -4.74 24.95
N PHE B 161 -5.69 -4.54 25.33
CA PHE B 161 -5.38 -4.00 26.66
C PHE B 161 -5.83 -2.55 26.81
N ALA B 162 -5.78 -1.75 25.73
CA ALA B 162 -6.25 -0.37 25.84
C ALA B 162 -7.76 -0.32 26.03
N HIS B 163 -8.51 -1.14 25.28
CA HIS B 163 -9.97 -1.19 25.40
C HIS B 163 -10.38 -1.73 26.77
N GLY B 164 -9.77 -2.84 27.20
CA GLY B 164 -9.99 -3.41 28.53
C GLY B 164 -9.72 -2.41 29.64
N ALA B 165 -8.61 -1.66 29.52
CA ALA B 165 -8.25 -0.63 30.49
C ALA B 165 -9.30 0.47 30.56
N ALA B 166 -9.84 0.86 29.40
CA ALA B 166 -10.82 1.94 29.33
C ALA B 166 -12.24 1.51 29.66
N THR B 167 -12.57 0.23 29.42
CA THR B 167 -13.94 -0.22 29.62
C THR B 167 -14.15 -1.29 30.67
N LEU B 168 -13.06 -1.86 31.26
CA LEU B 168 -13.19 -2.99 32.22
C LEU B 168 -12.35 -2.93 33.51
N ASP C 5 0.58 24.96 -1.46
CA ASP C 5 1.79 24.34 -0.90
C ASP C 5 2.38 25.19 0.24
N VAL C 6 1.49 25.86 1.00
CA VAL C 6 1.81 26.78 2.11
C VAL C 6 2.53 26.15 3.36
N PRO C 7 1.91 25.37 4.32
CA PRO C 7 2.72 24.79 5.42
C PRO C 7 3.82 23.88 4.88
N ARG C 8 4.80 23.54 5.71
CA ARG C 8 5.90 22.72 5.24
C ARG C 8 6.34 21.63 6.19
N ASP C 9 7.07 20.65 5.64
CA ASP C 9 7.74 19.53 6.32
C ASP C 9 8.97 19.04 5.56
N LEU C 10 9.05 19.43 4.27
CA LEU C 10 10.15 19.36 3.32
C LEU C 10 10.12 20.78 2.82
N GLU C 11 11.27 21.46 2.87
CA GLU C 11 11.38 22.88 2.56
C GLU C 11 12.73 23.22 1.92
N VAL C 12 12.76 24.35 1.21
CA VAL C 12 13.96 24.88 0.61
C VAL C 12 14.54 25.89 1.57
N VAL C 13 15.69 25.55 2.18
CA VAL C 13 16.42 26.39 3.14
C VAL C 13 17.21 27.52 2.48
N ALA C 14 17.96 27.18 1.43
CA ALA C 14 18.78 28.11 0.66
C ALA C 14 18.53 27.86 -0.83
N ALA C 15 18.96 28.78 -1.71
CA ALA C 15 18.75 28.63 -3.15
C ALA C 15 19.56 29.60 -4.00
N THR C 16 20.06 29.10 -5.13
CA THR C 16 20.80 29.90 -6.09
C THR C 16 20.07 29.77 -7.44
N PRO C 17 20.46 30.51 -8.48
CA PRO C 17 19.80 30.36 -9.78
C PRO C 17 20.06 29.01 -10.47
N THR C 18 20.81 28.08 -9.85
CA THR C 18 21.09 26.75 -10.40
C THR C 18 21.06 25.64 -9.33
N SER C 19 20.58 25.99 -8.12
CA SER C 19 20.56 25.05 -7.02
C SER C 19 19.51 25.33 -5.95
N LEU C 20 19.30 24.36 -5.07
CA LEU C 20 18.36 24.42 -3.96
C LEU C 20 18.94 23.59 -2.83
N LEU C 21 18.91 24.14 -1.61
CA LEU C 21 19.34 23.41 -0.43
C LEU C 21 18.06 23.03 0.25
N ILE C 22 17.73 21.74 0.24
CA ILE C 22 16.47 21.27 0.83
C ILE C 22 16.70 20.66 2.21
N SER C 23 15.65 20.68 3.03
CA SER C 23 15.66 20.14 4.37
C SER C 23 14.28 19.54 4.67
N TRP C 24 14.24 18.54 5.53
CA TRP C 24 13.01 17.88 5.91
C TRP C 24 13.17 17.29 7.32
N GLU C 25 12.07 16.82 7.91
CA GLU C 25 12.08 16.29 9.26
C GLU C 25 11.93 14.77 9.25
N HIS C 26 12.64 14.07 10.15
CA HIS C 26 12.52 12.60 10.23
C HIS C 26 11.15 12.29 10.79
N ASP C 27 10.39 11.34 10.18
CA ASP C 27 8.98 11.07 10.59
C ASP C 27 8.61 9.58 10.81
N TYR C 28 9.42 8.68 10.19
CA TYR C 28 9.25 7.23 10.19
C TYR C 28 10.50 6.50 10.68
N PRO C 29 10.79 6.38 11.99
CA PRO C 29 11.98 5.64 12.43
C PRO C 29 12.29 4.27 11.81
N TYR C 30 11.29 3.62 11.23
CA TYR C 30 11.39 2.32 10.54
C TYR C 30 12.03 2.48 9.13
N ARG C 31 12.62 3.65 8.86
CA ARG C 31 13.28 3.96 7.60
C ARG C 31 14.67 3.38 7.56
N ARG C 32 15.11 3.02 6.36
CA ARG C 32 16.47 2.55 6.12
C ARG C 32 17.36 3.67 5.63
N TYR C 33 16.85 4.55 4.72
CA TYR C 33 17.54 5.72 4.11
C TYR C 33 16.50 6.52 3.36
N TYR C 34 16.87 7.72 2.79
CA TYR C 34 15.92 8.54 2.02
C TYR C 34 16.26 8.55 0.54
N ARG C 35 15.23 8.63 -0.31
CA ARG C 35 15.40 8.75 -1.75
C ARG C 35 14.84 10.10 -2.15
N ILE C 36 15.64 10.91 -2.84
CA ILE C 36 15.23 12.23 -3.31
C ILE C 36 15.12 12.20 -4.85
N THR C 37 14.06 12.76 -5.41
CA THR C 37 13.92 12.83 -6.85
C THR C 37 13.56 14.25 -7.19
N TYR C 38 13.94 14.70 -8.38
CA TYR C 38 13.64 16.05 -8.84
C TYR C 38 13.55 16.11 -10.35
N GLY C 39 12.67 16.95 -10.85
CA GLY C 39 12.47 17.12 -12.27
C GLY C 39 11.50 18.25 -12.48
N GLU C 40 11.51 18.80 -13.70
CA GLU C 40 10.63 19.89 -14.10
C GLU C 40 9.17 19.52 -13.78
N THR C 41 8.45 20.42 -13.09
CA THR C 41 7.04 20.21 -12.70
C THR C 41 6.14 19.67 -13.82
N GLY C 42 6.24 20.24 -15.03
CA GLY C 42 5.45 19.80 -16.19
C GLY C 42 5.70 18.36 -16.60
N GLY C 43 6.79 17.78 -16.09
CA GLY C 43 7.19 16.41 -16.36
C GLY C 43 7.59 16.13 -17.80
N ASN C 44 8.30 17.09 -18.40
CA ASN C 44 8.82 16.92 -19.75
C ASN C 44 10.30 16.51 -19.71
N SER C 45 10.90 16.49 -18.50
CA SER C 45 12.28 16.08 -18.19
C SER C 45 12.29 14.76 -17.41
N PRO C 46 13.41 14.02 -17.46
CA PRO C 46 13.42 12.68 -16.86
C PRO C 46 13.19 12.33 -15.37
N VAL C 47 13.44 13.22 -14.40
CA VAL C 47 13.44 12.88 -12.95
C VAL C 47 14.69 12.13 -12.58
N GLN C 48 15.51 12.87 -11.87
CA GLN C 48 16.81 12.45 -11.44
C GLN C 48 16.67 12.14 -10.02
N GLU C 49 17.48 11.23 -9.52
CA GLU C 49 17.44 10.87 -8.12
C GLU C 49 18.76 10.46 -7.51
N PHE C 50 18.81 10.49 -6.18
CA PHE C 50 19.95 10.12 -5.37
C PHE C 50 19.46 9.73 -3.99
N THR C 51 20.29 9.03 -3.21
CA THR C 51 19.90 8.61 -1.88
C THR C 51 20.71 9.30 -0.80
N VAL C 52 20.17 9.28 0.43
CA VAL C 52 20.77 9.92 1.58
C VAL C 52 20.61 8.93 2.73
N PRO C 53 21.62 8.80 3.61
CA PRO C 53 21.46 7.93 4.77
C PRO C 53 20.33 8.38 5.69
N LYS C 54 19.79 7.40 6.42
CA LYS C 54 18.74 7.46 7.42
C LYS C 54 18.90 8.67 8.31
N ASP C 55 20.12 8.89 8.79
CA ASP C 55 20.27 9.96 9.75
C ASP C 55 20.54 11.35 9.23
N VAL C 56 20.48 11.53 7.89
CA VAL C 56 20.68 12.84 7.22
C VAL C 56 19.35 13.38 6.75
N ASP C 57 19.05 14.63 7.13
CA ASP C 57 17.82 15.34 6.76
C ASP C 57 18.07 16.61 5.93
N THR C 58 19.20 16.71 5.25
CA THR C 58 19.49 17.88 4.42
C THR C 58 20.19 17.49 3.13
N ALA C 59 19.97 18.24 2.02
CA ALA C 59 20.57 17.94 0.73
C ALA C 59 20.67 19.16 -0.17
N THR C 60 21.54 19.09 -1.18
CA THR C 60 21.78 20.15 -2.17
C THR C 60 21.45 19.56 -3.52
N ILE C 61 20.66 20.29 -4.31
CA ILE C 61 20.27 19.86 -5.65
C ILE C 61 20.87 20.85 -6.66
N SER C 62 22.01 20.47 -7.23
CA SER C 62 22.77 21.32 -8.14
C SER C 62 22.34 21.26 -9.59
N GLY C 63 22.89 22.18 -10.38
CA GLY C 63 22.71 22.27 -11.83
C GLY C 63 21.31 22.51 -12.33
N LEU C 64 20.43 23.04 -11.50
CA LEU C 64 19.06 23.31 -11.92
C LEU C 64 19.03 24.40 -13.00
N LYS C 65 17.84 24.75 -13.48
CA LYS C 65 17.67 25.78 -14.52
C LYS C 65 16.71 26.84 -14.05
N PRO C 66 17.10 28.12 -14.18
CA PRO C 66 16.24 29.23 -13.73
C PRO C 66 14.96 29.34 -14.52
N GLY C 67 13.92 29.88 -13.86
CA GLY C 67 12.59 30.04 -14.45
C GLY C 67 12.00 28.70 -14.77
N VAL C 68 12.42 27.67 -14.03
CA VAL C 68 11.99 26.31 -14.23
C VAL C 68 11.43 25.77 -12.94
N ASP C 69 10.12 25.47 -12.97
CA ASP C 69 9.42 24.86 -11.86
C ASP C 69 9.94 23.43 -11.72
N TYR C 70 10.44 23.08 -10.52
CA TYR C 70 10.98 21.76 -10.23
C TYR C 70 10.20 21.09 -9.13
N THR C 71 9.75 19.85 -9.35
CA THR C 71 9.08 19.10 -8.29
C THR C 71 10.11 18.23 -7.57
N ILE C 72 10.30 18.49 -6.25
CA ILE C 72 11.26 17.75 -5.42
C ILE C 72 10.51 16.80 -4.50
N THR C 73 10.87 15.52 -4.52
CA THR C 73 10.20 14.50 -3.71
C THR C 73 11.23 13.83 -2.83
N VAL C 74 10.80 13.42 -1.62
CA VAL C 74 11.63 12.73 -0.63
C VAL C 74 10.86 11.52 -0.13
N TYR C 75 11.48 10.34 -0.14
CA TYR C 75 10.85 9.12 0.32
C TYR C 75 11.63 8.57 1.46
N ALA C 76 10.95 7.94 2.41
CA ALA C 76 11.58 7.25 3.53
C ALA C 76 11.57 5.76 3.15
N VAL C 77 12.68 5.29 2.60
CA VAL C 77 12.79 3.91 2.12
C VAL C 77 12.91 2.97 3.26
N THR C 78 12.04 1.96 3.24
CA THR C 78 12.09 0.88 4.19
C THR C 78 12.76 -0.21 3.35
N SER C 79 12.01 -1.03 2.62
CA SER C 79 12.63 -1.98 1.68
C SER C 79 11.91 -1.95 0.32
N SER C 80 11.73 -3.09 -0.33
CA SER C 80 11.09 -3.15 -1.64
C SER C 80 10.28 -4.43 -1.74
N TYR C 81 10.14 -5.12 -0.59
CA TYR C 81 9.40 -6.36 -0.45
C TYR C 81 7.89 -6.10 -0.74
N LYS C 82 7.23 -7.10 -1.39
CA LYS C 82 5.81 -7.17 -1.76
C LYS C 82 4.92 -6.81 -0.57
N TYR C 83 5.34 -7.17 0.67
CA TYR C 83 4.57 -6.95 1.89
C TYR C 83 5.25 -6.09 2.99
N ASP C 84 6.39 -5.45 2.67
CA ASP C 84 7.00 -4.53 3.63
C ASP C 84 6.17 -3.24 3.67
N MET C 85 6.23 -2.51 4.77
CA MET C 85 5.50 -1.26 4.92
C MET C 85 6.15 -0.24 4.00
N GLN C 86 5.34 0.42 3.18
CA GLN C 86 5.79 1.45 2.25
C GLN C 86 5.11 2.78 2.60
N TYR C 87 5.92 3.80 3.01
CA TYR C 87 5.42 5.09 3.44
C TYR C 87 5.22 5.98 2.27
N SER C 88 4.27 6.91 2.40
CA SER C 88 3.95 7.83 1.34
C SER C 88 5.08 8.86 1.12
N PRO C 89 5.40 9.23 -0.16
CA PRO C 89 6.36 10.31 -0.44
C PRO C 89 5.82 11.71 -0.09
N ILE C 90 6.72 12.67 0.09
CA ILE C 90 6.41 14.06 0.39
C ILE C 90 7.16 14.89 -0.63
N SER C 91 6.49 15.88 -1.21
CA SER C 91 7.13 16.70 -2.23
C SER C 91 6.67 18.12 -2.19
N ILE C 92 7.38 18.96 -2.94
CA ILE C 92 7.11 20.39 -3.11
C ILE C 92 7.43 20.74 -4.55
N ASN C 93 7.00 21.91 -4.97
CA ASN C 93 7.29 22.45 -6.30
C ASN C 93 8.02 23.75 -6.04
N TYR C 94 9.17 23.96 -6.68
CA TYR C 94 9.95 25.18 -6.50
C TYR C 94 10.38 25.82 -7.81
N ARG C 95 10.36 27.19 -7.83
CA ARG C 95 10.75 28.13 -8.89
C ARG C 95 10.21 27.84 -10.30
C1 NAG D . -3.25 -11.68 -16.71
C2 NAG D . -4.51 -12.55 -16.67
C3 NAG D . -4.08 -14.01 -16.75
C4 NAG D . -3.28 -14.26 -18.04
C5 NAG D . -2.07 -13.33 -18.11
C6 NAG D . -1.41 -13.34 -19.47
C7 NAG D . -6.75 -12.12 -15.56
C8 NAG D . -7.37 -11.60 -14.29
N2 NAG D . -5.37 -12.32 -15.51
O3 NAG D . -5.22 -14.87 -16.74
O4 NAG D . -2.84 -15.61 -18.14
O5 NAG D . -2.46 -11.97 -17.87
O6 NAG D . -2.32 -13.02 -20.52
O7 NAG D . -7.43 -12.33 -16.56
C1 NAG D . -3.49 -16.51 -19.02
C2 NAG D . -2.49 -17.65 -19.22
C3 NAG D . -3.21 -18.72 -20.04
C4 NAG D . -4.42 -19.23 -19.26
C5 NAG D . -5.41 -18.09 -19.02
C6 NAG D . -6.56 -18.46 -18.10
C7 NAG D . -0.01 -17.66 -19.51
C8 NAG D . 1.16 -16.89 -20.04
N2 NAG D . -1.25 -17.22 -19.87
O3 NAG D . -2.30 -19.78 -20.32
O4 NAG D . -5.04 -20.39 -19.82
O5 NAG D . -4.76 -16.94 -18.45
O6 NAG D . -6.29 -18.31 -16.71
O7 NAG D . 0.15 -18.66 -18.81
C1 BMA D . -4.98 -21.61 -19.02
C2 BMA D . -6.33 -22.33 -18.76
C3 BMA D . -6.62 -23.52 -19.68
C4 BMA D . -5.40 -24.43 -19.84
C5 BMA D . -4.13 -23.65 -20.21
C6 BMA D . -3.99 -23.22 -21.67
O2 BMA D . -7.43 -21.42 -18.76
O3 BMA D . -7.17 -23.11 -20.93
O4 BMA D . -5.16 -25.13 -18.63
O5 BMA D . -3.90 -22.52 -19.33
O6 BMA D . -4.88 -22.17 -22.07
C1 MAN D . -8.50 -23.51 -21.36
C2 MAN D . -9.45 -23.92 -20.22
C3 MAN D . -10.83 -24.29 -20.76
C4 MAN D . -10.75 -25.28 -21.94
C5 MAN D . -9.69 -24.90 -22.98
C6 MAN D . -10.10 -23.81 -23.95
O2 MAN D . -9.60 -22.89 -19.26
O3 MAN D . -11.57 -23.12 -21.13
O4 MAN D . -10.56 -26.61 -21.48
O5 MAN D . -8.45 -24.53 -22.37
O6 MAN D . -9.10 -23.59 -24.93
#